data_1Z1E
#
_entry.id   1Z1E
#
_cell.length_a   100.751
_cell.length_b   100.751
_cell.length_c   74.048
_cell.angle_alpha   90.00
_cell.angle_beta   90.00
_cell.angle_gamma   120.00
#
_symmetry.space_group_name_H-M   'P 31 2 1'
#
loop_
_entity.id
_entity.type
_entity.pdbx_description
1 polymer 'stilbene synthase'
2 non-polymer 'CITRIC ACID'
3 water water
#
_entity_poly.entity_id   1
_entity_poly.type   'polypeptide(L)'
_entity_poly.pdbx_seq_one_letter_code
;AMVSVSGIRKVQRAEGPATVLAIGTANPPNCVDQSTYADYYFRVTNSEHMTDLKKKFQRICERTQIKNRHMYLTEEILKE
NPNMCAYKAPSLDAREDMMIREVPRVGKEAATKAIKEWGQPMSKITHLIFCTTSGVALPGVDYELIVLLGLDPSVKRYMM
YHQGCFAGGTVLRLAKDLAENNKDARVLIVCSENTSVTFRGPSETDMDSLVGQALFADGAAAIIIGSDPVPEVENPLFEI
VSTDQQLVPNSHGAIGGLLREVGLTFYLNKSVPDIISQNINDALSKAFDPLGISDYNSIFWIAHPGGRAILDQVEEKVNL
KPEKMKATRDVLSNYGNMSSACVFFIMDLMRKKSLEAGLKTTGEGLDWGVLFGFGPGLTIETVVLRSMAI
;
_entity_poly.pdbx_strand_id   A
#
loop_
_chem_comp.id
_chem_comp.type
_chem_comp.name
_chem_comp.formula
CIT non-polymer 'CITRIC ACID' 'C6 H8 O7'
#
# COMPACT_ATOMS: atom_id res chain seq x y z
N VAL A 3 19.46 -35.87 11.68
CA VAL A 3 20.46 -35.93 12.80
C VAL A 3 21.45 -34.76 12.73
N SER A 4 21.45 -34.05 11.60
CA SER A 4 22.35 -32.90 11.42
C SER A 4 21.59 -31.61 11.09
N VAL A 5 21.54 -30.70 12.05
CA VAL A 5 20.85 -29.42 11.87
C VAL A 5 21.55 -28.56 10.81
N SER A 6 22.84 -28.78 10.64
CA SER A 6 23.62 -28.03 9.66
C SER A 6 23.29 -28.52 8.26
N GLY A 7 23.10 -29.83 8.12
CA GLY A 7 22.77 -30.40 6.83
C GLY A 7 21.36 -30.02 6.41
N ILE A 8 20.43 -30.07 7.36
CA ILE A 8 19.03 -29.73 7.10
C ILE A 8 18.98 -28.31 6.53
N ARG A 9 19.64 -27.39 7.22
CA ARG A 9 19.69 -25.99 6.83
C ARG A 9 20.17 -25.85 5.38
N LYS A 10 21.21 -26.61 5.04
CA LYS A 10 21.82 -26.59 3.71
C LYS A 10 20.91 -26.97 2.54
N VAL A 11 19.98 -27.89 2.79
CA VAL A 11 19.05 -28.36 1.77
C VAL A 11 17.66 -27.72 1.89
N GLN A 12 17.39 -27.14 3.07
CA GLN A 12 16.11 -26.52 3.37
C GLN A 12 15.95 -25.12 2.76
N ARG A 13 17.08 -24.45 2.53
CA ARG A 13 17.09 -23.09 2.00
C ARG A 13 17.01 -22.94 0.49
N ALA A 14 16.51 -21.78 0.05
CA ALA A 14 16.39 -21.48 -1.37
C ALA A 14 17.76 -20.96 -1.82
N GLU A 15 17.95 -20.75 -3.11
CA GLU A 15 19.25 -20.27 -3.58
C GLU A 15 19.28 -18.86 -4.15
N GLY A 16 18.25 -18.49 -4.91
CA GLY A 16 18.22 -17.17 -5.51
C GLY A 16 17.50 -16.09 -4.74
N PRO A 17 17.42 -14.88 -5.32
CA PRO A 17 16.73 -13.75 -4.67
C PRO A 17 15.22 -13.86 -4.78
N ALA A 18 14.51 -13.33 -3.79
CA ALA A 18 13.04 -13.35 -3.81
C ALA A 18 12.57 -12.59 -5.04
N THR A 19 11.58 -13.13 -5.73
CA THR A 19 11.07 -12.51 -6.96
C THR A 19 9.56 -12.36 -7.01
N VAL A 20 9.09 -11.20 -7.50
CA VAL A 20 7.66 -10.96 -7.65
C VAL A 20 7.26 -11.77 -8.88
N LEU A 21 6.32 -12.71 -8.68
CA LEU A 21 5.88 -13.58 -9.76
C LEU A 21 4.51 -13.26 -10.36
N ALA A 22 3.72 -12.48 -9.65
CA ALA A 22 2.39 -12.11 -10.13
C ALA A 22 1.79 -11.03 -9.24
N ILE A 23 0.92 -10.22 -9.82
CA ILE A 23 0.26 -9.17 -9.08
C ILE A 23 -1.22 -9.14 -9.45
N GLY A 24 -2.07 -8.93 -8.44
CA GLY A 24 -3.49 -8.87 -8.67
C GLY A 24 -4.08 -7.78 -7.81
N THR A 25 -5.03 -7.03 -8.36
CA THR A 25 -5.66 -5.95 -7.60
C THR A 25 -7.18 -5.95 -7.72
N ALA A 26 -7.83 -5.31 -6.75
CA ALA A 26 -9.28 -5.22 -6.71
C ALA A 26 -9.70 -4.04 -5.84
N ASN A 27 -10.93 -3.57 -6.01
CA ASN A 27 -11.43 -2.45 -5.23
C ASN A 27 -12.94 -2.54 -5.12
N PRO A 28 -13.52 -1.88 -4.10
CA PRO A 28 -14.99 -1.79 -4.00
C PRO A 28 -15.48 -1.10 -5.25
N PRO A 29 -16.58 -1.57 -5.84
CA PRO A 29 -17.12 -0.98 -7.09
C PRO A 29 -17.32 0.52 -7.10
N ASN A 30 -17.90 0.99 -6.00
CA ASN A 30 -18.25 2.41 -5.84
C ASN A 30 -17.13 3.42 -6.06
N CYS A 31 -17.27 4.24 -7.11
CA CYS A 31 -16.27 5.26 -7.43
C CYS A 31 -16.77 6.63 -7.00
N VAL A 32 -15.95 7.34 -6.23
CA VAL A 32 -16.32 8.67 -5.77
C VAL A 32 -15.51 9.75 -6.49
N ASP A 33 -16.24 10.65 -7.16
CA ASP A 33 -15.64 11.74 -7.92
C ASP A 33 -15.10 12.82 -6.99
N GLN A 34 -13.81 13.14 -7.13
CA GLN A 34 -13.14 14.14 -6.30
C GLN A 34 -13.62 15.59 -6.52
N SER A 35 -13.95 15.93 -7.76
CA SER A 35 -14.39 17.29 -8.08
C SER A 35 -15.73 17.65 -7.44
N THR A 36 -16.39 16.68 -6.82
CA THR A 36 -17.67 16.93 -6.17
C THR A 36 -17.73 16.36 -4.77
N TYR A 37 -16.59 15.92 -4.25
CA TYR A 37 -16.58 15.31 -2.94
C TYR A 37 -16.84 16.30 -1.79
N ALA A 38 -16.27 17.50 -1.88
CA ALA A 38 -16.48 18.48 -0.83
C ALA A 38 -17.98 18.64 -0.57
N ASP A 39 -18.75 18.76 -1.64
CA ASP A 39 -20.20 18.91 -1.52
C ASP A 39 -20.86 17.65 -0.97
N TYR A 40 -20.49 16.50 -1.53
CA TYR A 40 -21.04 15.22 -1.06
C TYR A 40 -20.71 15.04 0.42
N TYR A 41 -19.44 15.25 0.76
CA TYR A 41 -18.97 15.08 2.13
C TYR A 41 -19.71 15.96 3.14
N PHE A 42 -19.77 17.27 2.88
CA PHE A 42 -20.45 18.15 3.82
C PHE A 42 -21.96 17.91 3.91
N ARG A 43 -22.52 17.31 2.85
CA ARG A 43 -23.95 17.01 2.82
C ARG A 43 -24.31 15.80 3.68
N VAL A 44 -23.65 14.67 3.43
CA VAL A 44 -23.94 13.43 4.17
C VAL A 44 -23.47 13.51 5.62
N THR A 45 -22.66 14.52 5.92
CA THR A 45 -22.16 14.70 7.28
C THR A 45 -23.01 15.74 8.02
N ASN A 46 -23.88 16.42 7.28
CA ASN A 46 -24.75 17.45 7.85
C ASN A 46 -23.90 18.56 8.45
N SER A 47 -23.00 19.11 7.64
CA SER A 47 -22.12 20.17 8.09
C SER A 47 -22.20 21.37 7.15
N GLU A 48 -23.34 21.52 6.50
CA GLU A 48 -23.54 22.62 5.56
C GLU A 48 -23.38 24.00 6.20
N HIS A 49 -23.62 24.10 7.51
CA HIS A 49 -23.50 25.37 8.21
C HIS A 49 -22.04 25.83 8.30
N MET A 50 -21.11 24.91 8.10
CA MET A 50 -19.69 25.23 8.14
C MET A 50 -19.25 25.74 6.77
N THR A 51 -19.95 26.76 6.29
CA THR A 51 -19.69 27.37 4.98
C THR A 51 -18.21 27.59 4.66
N ASP A 52 -17.46 28.18 5.60
CA ASP A 52 -16.05 28.44 5.37
C ASP A 52 -15.24 27.17 5.26
N LEU A 53 -15.44 26.25 6.20
CA LEU A 53 -14.71 24.98 6.20
C LEU A 53 -14.95 24.21 4.91
N LYS A 54 -16.19 24.28 4.40
CA LYS A 54 -16.56 23.59 3.17
C LYS A 54 -15.75 24.13 1.99
N LYS A 55 -15.65 25.45 1.89
CA LYS A 55 -14.91 26.09 0.81
C LYS A 55 -13.45 25.66 0.94
N LYS A 56 -13.00 25.52 2.19
CA LYS A 56 -11.64 25.12 2.50
C LYS A 56 -11.42 23.68 2.04
N PHE A 57 -12.36 22.80 2.35
CA PHE A 57 -12.26 21.40 1.97
C PHE A 57 -12.30 21.23 0.46
N GLN A 58 -12.95 22.17 -0.23
CA GLN A 58 -13.02 22.10 -1.68
C GLN A 58 -11.64 22.38 -2.26
N ARG A 59 -10.91 23.30 -1.64
CA ARG A 59 -9.56 23.65 -2.10
C ARG A 59 -8.64 22.44 -1.89
N ILE A 60 -8.77 21.78 -0.75
CA ILE A 60 -7.98 20.61 -0.42
C ILE A 60 -8.14 19.53 -1.50
N CYS A 61 -9.39 19.18 -1.78
CA CYS A 61 -9.69 18.16 -2.78
C CYS A 61 -9.17 18.51 -4.17
N GLU A 62 -9.08 19.80 -4.47
CA GLU A 62 -8.59 20.22 -5.79
C GLU A 62 -7.09 20.02 -5.94
N ARG A 63 -6.32 20.50 -4.97
CA ARG A 63 -4.86 20.36 -5.03
C ARG A 63 -4.41 18.95 -4.65
N THR A 64 -5.37 18.08 -4.37
CA THR A 64 -5.07 16.72 -3.97
C THR A 64 -4.51 15.91 -5.15
N GLN A 65 -4.89 16.32 -6.35
CA GLN A 65 -4.45 15.67 -7.59
C GLN A 65 -5.04 14.26 -7.70
N ILE A 66 -6.15 14.06 -7.00
CA ILE A 66 -6.87 12.80 -6.99
C ILE A 66 -8.13 13.07 -7.80
N LYS A 67 -8.41 12.23 -8.78
CA LYS A 67 -9.57 12.40 -9.64
C LYS A 67 -10.69 11.42 -9.26
N ASN A 68 -10.30 10.25 -8.77
CA ASN A 68 -11.27 9.22 -8.40
C ASN A 68 -10.76 8.37 -7.23
N ARG A 69 -11.69 7.86 -6.43
CA ARG A 69 -11.38 7.00 -5.29
C ARG A 69 -12.46 5.93 -5.14
N HIS A 70 -12.05 4.69 -4.92
CA HIS A 70 -13.02 3.61 -4.72
C HIS A 70 -13.32 3.55 -3.22
N MET A 71 -14.60 3.43 -2.87
CA MET A 71 -14.99 3.39 -1.47
C MET A 71 -16.15 2.44 -1.16
N TYR A 72 -15.94 1.57 -0.17
CA TYR A 72 -16.96 0.63 0.24
C TYR A 72 -18.14 1.42 0.79
N LEU A 73 -17.84 2.48 1.54
CA LEU A 73 -18.87 3.31 2.11
C LEU A 73 -19.67 4.06 1.06
N THR A 74 -20.98 3.83 1.08
CA THR A 74 -21.90 4.47 0.15
C THR A 74 -22.73 5.48 0.95
N GLU A 75 -23.51 6.28 0.24
CA GLU A 75 -24.39 7.24 0.88
C GLU A 75 -25.41 6.48 1.72
N GLU A 76 -25.76 5.29 1.24
CA GLU A 76 -26.73 4.45 1.94
C GLU A 76 -26.13 3.90 3.22
N ILE A 77 -24.94 3.32 3.14
CA ILE A 77 -24.27 2.76 4.31
C ILE A 77 -24.01 3.84 5.37
N LEU A 78 -23.81 5.08 4.92
CA LEU A 78 -23.55 6.19 5.82
C LEU A 78 -24.82 6.58 6.57
N LYS A 79 -25.95 6.53 5.87
CA LYS A 79 -27.24 6.87 6.46
C LYS A 79 -27.56 5.92 7.61
N GLU A 80 -27.31 4.63 7.40
CA GLU A 80 -27.57 3.62 8.42
C GLU A 80 -26.55 3.70 9.54
N ASN A 81 -25.61 4.63 9.43
CA ASN A 81 -24.58 4.78 10.45
C ASN A 81 -24.30 6.23 10.80
N PRO A 82 -25.19 6.86 11.59
CA PRO A 82 -25.05 8.26 12.01
C PRO A 82 -23.77 8.52 12.79
N ASN A 83 -23.44 7.62 13.72
CA ASN A 83 -22.24 7.77 14.56
C ASN A 83 -20.96 7.87 13.73
N MET A 84 -21.00 7.32 12.51
CA MET A 84 -19.82 7.38 11.64
C MET A 84 -19.77 8.68 10.84
N CYS A 85 -20.92 9.33 10.67
CA CYS A 85 -20.99 10.58 9.93
C CYS A 85 -20.61 11.77 10.83
N ALA A 86 -20.71 11.56 12.13
CA ALA A 86 -20.36 12.60 13.09
C ALA A 86 -18.85 12.71 13.13
N TYR A 87 -18.34 13.82 13.66
CA TYR A 87 -16.91 14.00 13.77
C TYR A 87 -16.34 12.93 14.71
N LYS A 88 -16.86 12.90 15.94
CA LYS A 88 -16.41 11.94 16.94
C LYS A 88 -17.59 11.38 17.76
N ALA A 89 -17.96 10.14 17.47
CA ALA A 89 -19.06 9.48 18.20
C ALA A 89 -18.73 8.00 18.29
N PRO A 90 -19.19 7.33 19.36
CA PRO A 90 -18.93 5.90 19.52
C PRO A 90 -19.38 5.12 18.28
N SER A 91 -18.43 4.51 17.59
CA SER A 91 -18.73 3.78 16.37
C SER A 91 -17.70 2.72 16.02
N LEU A 92 -16.76 2.46 16.92
CA LEU A 92 -15.71 1.47 16.69
C LEU A 92 -16.27 0.10 16.33
N ASP A 93 -17.27 -0.38 17.08
CA ASP A 93 -17.87 -1.68 16.80
C ASP A 93 -18.40 -1.81 15.37
N ALA A 94 -19.15 -0.81 14.92
CA ALA A 94 -19.72 -0.83 13.57
C ALA A 94 -18.63 -0.79 12.48
N ARG A 95 -17.63 0.06 12.70
CA ARG A 95 -16.53 0.19 11.76
C ARG A 95 -15.73 -1.13 11.68
N GLU A 96 -15.37 -1.69 12.83
CA GLU A 96 -14.62 -2.94 12.83
C GLU A 96 -15.38 -4.07 12.12
N ASP A 97 -16.70 -4.14 12.30
CA ASP A 97 -17.48 -5.18 11.64
C ASP A 97 -17.44 -5.04 10.11
N MET A 98 -17.45 -3.80 9.64
CA MET A 98 -17.41 -3.54 8.21
C MET A 98 -16.03 -3.96 7.70
N MET A 99 -15.01 -3.57 8.47
CA MET A 99 -13.63 -3.88 8.14
C MET A 99 -13.42 -5.39 8.13
N ILE A 100 -13.84 -6.05 9.20
CA ILE A 100 -13.70 -7.49 9.31
C ILE A 100 -14.34 -8.22 8.14
N ARG A 101 -15.46 -7.69 7.64
CA ARG A 101 -16.16 -8.31 6.53
C ARG A 101 -15.62 -7.96 5.14
N GLU A 102 -15.33 -6.69 4.92
CA GLU A 102 -14.84 -6.23 3.62
C GLU A 102 -13.35 -6.45 3.32
N VAL A 103 -12.49 -6.25 4.30
CA VAL A 103 -11.06 -6.44 4.09
C VAL A 103 -10.70 -7.81 3.50
N PRO A 104 -11.19 -8.91 4.11
CA PRO A 104 -10.89 -10.25 3.61
C PRO A 104 -11.49 -10.46 2.22
N ARG A 105 -12.70 -9.91 2.05
CA ARG A 105 -13.46 -10.01 0.80
C ARG A 105 -12.67 -9.46 -0.40
N VAL A 106 -12.41 -8.15 -0.40
CA VAL A 106 -11.68 -7.54 -1.49
C VAL A 106 -10.28 -8.13 -1.62
N GLY A 107 -9.73 -8.60 -0.50
CA GLY A 107 -8.42 -9.21 -0.51
C GLY A 107 -8.42 -10.52 -1.27
N LYS A 108 -9.54 -11.24 -1.17
CA LYS A 108 -9.68 -12.52 -1.87
C LYS A 108 -9.81 -12.28 -3.37
N GLU A 109 -10.56 -11.25 -3.75
CA GLU A 109 -10.76 -10.92 -5.15
C GLU A 109 -9.40 -10.64 -5.80
N ALA A 110 -8.52 -9.97 -5.07
CA ALA A 110 -7.20 -9.65 -5.59
C ALA A 110 -6.33 -10.90 -5.67
N ALA A 111 -6.40 -11.74 -4.63
CA ALA A 111 -5.61 -12.98 -4.59
C ALA A 111 -5.95 -13.89 -5.76
N THR A 112 -7.25 -14.02 -6.03
CA THR A 112 -7.72 -14.86 -7.12
C THR A 112 -7.11 -14.44 -8.46
N LYS A 113 -7.05 -13.13 -8.71
CA LYS A 113 -6.48 -12.63 -9.96
C LYS A 113 -4.98 -12.94 -10.02
N ALA A 114 -4.29 -12.78 -8.90
CA ALA A 114 -2.86 -13.05 -8.85
C ALA A 114 -2.60 -14.53 -9.05
N ILE A 115 -3.39 -15.35 -8.37
CA ILE A 115 -3.26 -16.80 -8.49
C ILE A 115 -3.48 -17.25 -9.92
N LYS A 116 -4.47 -16.68 -10.58
CA LYS A 116 -4.75 -17.04 -11.97
C LYS A 116 -3.53 -16.72 -12.84
N GLU A 117 -3.01 -15.50 -12.69
CA GLU A 117 -1.85 -15.08 -13.46
C GLU A 117 -0.68 -16.03 -13.19
N TRP A 118 -0.38 -16.22 -11.90
CA TRP A 118 0.71 -17.09 -11.47
C TRP A 118 0.58 -18.46 -12.13
N GLY A 119 -0.65 -18.95 -12.19
CA GLY A 119 -0.92 -20.23 -12.83
C GLY A 119 -0.61 -21.49 -12.05
N GLN A 120 -0.09 -21.36 -10.83
CA GLN A 120 0.22 -22.54 -10.04
C GLN A 120 -0.96 -22.87 -9.13
N PRO A 121 -1.01 -24.11 -8.62
CA PRO A 121 -2.10 -24.54 -7.73
C PRO A 121 -2.09 -23.86 -6.35
N MET A 122 -3.28 -23.67 -5.80
CA MET A 122 -3.46 -23.08 -4.47
C MET A 122 -2.52 -23.70 -3.45
N SER A 123 -2.58 -25.03 -3.36
CA SER A 123 -1.79 -25.81 -2.42
C SER A 123 -0.31 -25.47 -2.40
N LYS A 124 0.19 -24.81 -3.44
CA LYS A 124 1.61 -24.45 -3.48
C LYS A 124 1.95 -23.20 -2.66
N ILE A 125 0.93 -22.44 -2.24
CA ILE A 125 1.17 -21.24 -1.42
C ILE A 125 1.56 -21.75 -0.04
N THR A 126 2.79 -21.45 0.39
CA THR A 126 3.28 -21.90 1.69
C THR A 126 3.22 -20.85 2.79
N HIS A 127 3.22 -19.58 2.40
CA HIS A 127 3.16 -18.50 3.39
C HIS A 127 2.10 -17.48 3.02
N LEU A 128 1.50 -16.88 4.05
CA LEU A 128 0.47 -15.87 3.87
C LEU A 128 0.76 -14.64 4.73
N ILE A 129 0.97 -13.51 4.07
CA ILE A 129 1.23 -12.25 4.76
C ILE A 129 0.00 -11.40 4.49
N PHE A 130 -0.78 -11.11 5.52
CA PHE A 130 -1.96 -10.29 5.34
C PHE A 130 -1.75 -8.97 6.05
N CYS A 131 -1.77 -7.88 5.30
CA CYS A 131 -1.57 -6.55 5.84
C CYS A 131 -2.81 -5.68 5.67
N THR A 132 -3.31 -5.16 6.78
CA THR A 132 -4.47 -4.28 6.77
C THR A 132 -4.40 -3.32 7.96
N THR A 133 -4.90 -2.12 7.76
CA THR A 133 -4.88 -1.09 8.79
C THR A 133 -5.72 -1.44 10.05
N SER A 134 -6.83 -2.14 9.87
CA SER A 134 -7.64 -2.52 11.02
C SER A 134 -8.59 -3.68 10.70
N GLY A 135 -9.48 -4.00 11.65
CA GLY A 135 -10.41 -5.10 11.49
C GLY A 135 -9.94 -6.20 12.42
N VAL A 136 -9.91 -5.86 13.70
CA VAL A 136 -9.43 -6.74 14.75
C VAL A 136 -10.36 -7.84 15.25
N ALA A 137 -9.96 -9.08 15.02
CA ALA A 137 -10.73 -10.24 15.47
C ALA A 137 -9.74 -11.37 15.77
N LEU A 138 -10.19 -12.36 16.52
CA LEU A 138 -9.37 -13.53 16.86
C LEU A 138 -10.23 -14.79 16.74
N PRO A 139 -9.91 -15.67 15.77
CA PRO A 139 -8.82 -15.50 14.80
C PRO A 139 -8.98 -14.24 13.95
N GLY A 140 -7.90 -13.81 13.32
CA GLY A 140 -7.95 -12.61 12.50
C GLY A 140 -8.38 -12.75 11.05
N VAL A 141 -8.31 -11.64 10.34
CA VAL A 141 -8.68 -11.57 8.94
C VAL A 141 -7.91 -12.55 8.04
N ASP A 142 -6.69 -12.88 8.44
CA ASP A 142 -5.87 -13.83 7.68
C ASP A 142 -6.59 -15.17 7.64
N TYR A 143 -7.17 -15.55 8.78
CA TYR A 143 -7.91 -16.79 8.90
C TYR A 143 -9.04 -16.82 7.87
N GLU A 144 -9.84 -15.76 7.86
CA GLU A 144 -10.95 -15.67 6.92
C GLU A 144 -10.49 -15.80 5.48
N LEU A 145 -9.33 -15.20 5.17
CA LEU A 145 -8.79 -15.26 3.82
C LEU A 145 -8.50 -16.71 3.46
N ILE A 146 -7.92 -17.44 4.41
CA ILE A 146 -7.61 -18.84 4.19
C ILE A 146 -8.89 -19.61 3.82
N VAL A 147 -9.93 -19.39 4.60
CA VAL A 147 -11.22 -20.05 4.39
C VAL A 147 -11.84 -19.67 3.04
N LEU A 148 -11.99 -18.38 2.79
CA LEU A 148 -12.57 -17.89 1.54
C LEU A 148 -11.81 -18.34 0.30
N LEU A 149 -10.49 -18.43 0.43
CA LEU A 149 -9.63 -18.78 -0.68
C LEU A 149 -9.35 -20.28 -0.84
N GLY A 150 -9.38 -21.01 0.28
CA GLY A 150 -9.12 -22.43 0.23
C GLY A 150 -7.65 -22.77 0.37
N LEU A 151 -6.89 -21.92 1.06
CA LEU A 151 -5.46 -22.18 1.25
C LEU A 151 -5.24 -23.42 2.12
N ASP A 152 -4.05 -23.98 2.07
CA ASP A 152 -3.75 -25.17 2.86
C ASP A 152 -3.75 -24.84 4.34
N PRO A 153 -4.33 -25.73 5.17
CA PRO A 153 -4.37 -25.46 6.61
C PRO A 153 -2.99 -25.37 7.29
N SER A 154 -1.92 -25.70 6.57
CA SER A 154 -0.59 -25.61 7.14
C SER A 154 0.19 -24.37 6.66
N VAL A 155 -0.50 -23.45 5.99
CA VAL A 155 0.14 -22.21 5.52
C VAL A 155 0.64 -21.40 6.72
N LYS A 156 1.88 -20.94 6.64
CA LYS A 156 2.45 -20.15 7.72
C LYS A 156 1.93 -18.71 7.55
N ARG A 157 1.26 -18.21 8.59
CA ARG A 157 0.64 -16.90 8.56
C ARG A 157 1.39 -15.76 9.25
N TYR A 158 1.21 -14.55 8.72
CA TYR A 158 1.84 -13.36 9.24
C TYR A 158 0.82 -12.24 9.17
N MET A 159 0.07 -12.06 10.25
CA MET A 159 -0.98 -11.05 10.32
C MET A 159 -0.42 -9.70 10.75
N MET A 160 -0.34 -8.77 9.80
CA MET A 160 0.21 -7.44 10.07
C MET A 160 -0.90 -6.38 10.22
N TYR A 161 -1.27 -6.11 11.47
CA TYR A 161 -2.31 -5.13 11.78
C TYR A 161 -1.72 -3.73 12.04
N HIS A 162 -2.52 -2.70 11.77
CA HIS A 162 -2.16 -1.30 12.00
C HIS A 162 -0.73 -0.92 11.62
N GLN A 163 -0.23 -1.40 10.50
CA GLN A 163 1.15 -1.11 10.11
C GLN A 163 1.46 0.36 9.82
N GLY A 164 0.67 0.96 8.93
CA GLY A 164 0.89 2.35 8.55
C GLY A 164 1.04 2.43 7.04
N CYS A 165 1.12 3.65 6.51
CA CYS A 165 1.24 3.83 5.06
C CYS A 165 2.54 3.28 4.46
N PHE A 166 3.50 2.89 5.30
CA PHE A 166 4.77 2.37 4.80
C PHE A 166 4.81 0.84 4.69
N ALA A 167 3.74 0.19 5.11
CA ALA A 167 3.66 -1.28 5.10
C ALA A 167 3.93 -1.96 3.76
N GLY A 168 3.78 -1.23 2.66
CA GLY A 168 4.04 -1.82 1.34
C GLY A 168 5.47 -2.32 1.30
N GLY A 169 6.37 -1.56 1.91
CA GLY A 169 7.77 -1.96 1.95
C GLY A 169 7.97 -3.04 3.00
N THR A 170 7.19 -2.96 4.08
CA THR A 170 7.26 -3.92 5.17
C THR A 170 7.00 -5.36 4.68
N VAL A 171 5.89 -5.54 3.96
CA VAL A 171 5.54 -6.87 3.47
C VAL A 171 6.58 -7.43 2.50
N LEU A 172 7.22 -6.56 1.73
CA LEU A 172 8.26 -6.99 0.79
C LEU A 172 9.51 -7.38 1.57
N ARG A 173 9.82 -6.61 2.61
CA ARG A 173 10.97 -6.88 3.45
C ARG A 173 10.80 -8.24 4.15
N LEU A 174 9.57 -8.52 4.57
CA LEU A 174 9.29 -9.78 5.25
C LEU A 174 9.27 -10.93 4.25
N ALA A 175 8.59 -10.72 3.11
CA ALA A 175 8.48 -11.73 2.07
C ALA A 175 9.86 -12.16 1.56
N LYS A 176 10.80 -11.22 1.50
CA LYS A 176 12.14 -11.54 1.03
C LYS A 176 12.77 -12.69 1.81
N ASP A 177 12.72 -12.58 3.14
CA ASP A 177 13.27 -13.60 4.03
C ASP A 177 12.52 -14.92 3.95
N LEU A 178 11.20 -14.87 3.93
CA LEU A 178 10.40 -16.08 3.86
C LEU A 178 10.73 -16.90 2.61
N ALA A 179 10.78 -16.22 1.46
CA ALA A 179 11.05 -16.87 0.20
C ALA A 179 12.48 -17.37 0.04
N GLU A 180 13.43 -16.49 0.33
CA GLU A 180 14.84 -16.80 0.19
C GLU A 180 15.37 -17.88 1.12
N ASN A 181 14.82 -17.97 2.33
CA ASN A 181 15.27 -18.94 3.30
C ASN A 181 14.65 -20.33 3.21
N ASN A 182 13.63 -20.51 2.37
CA ASN A 182 12.98 -21.80 2.26
C ASN A 182 12.77 -22.28 0.83
N LYS A 183 13.37 -23.42 0.51
CA LYS A 183 13.24 -23.98 -0.81
C LYS A 183 11.78 -24.27 -1.12
N ASP A 184 11.33 -23.80 -2.29
CA ASP A 184 9.96 -23.98 -2.77
C ASP A 184 8.95 -23.08 -2.07
N ALA A 185 9.39 -22.24 -1.14
CA ALA A 185 8.44 -21.38 -0.46
C ALA A 185 7.83 -20.40 -1.46
N ARG A 186 6.51 -20.27 -1.41
CA ARG A 186 5.81 -19.34 -2.28
C ARG A 186 4.94 -18.50 -1.38
N VAL A 187 5.26 -17.21 -1.29
CA VAL A 187 4.55 -16.30 -0.42
C VAL A 187 3.45 -15.51 -1.09
N LEU A 188 2.28 -15.47 -0.44
CA LEU A 188 1.15 -14.71 -0.93
C LEU A 188 0.98 -13.50 -0.02
N ILE A 189 1.18 -12.31 -0.59
CA ILE A 189 1.00 -11.09 0.16
C ILE A 189 -0.35 -10.50 -0.20
N VAL A 190 -1.12 -10.15 0.82
CA VAL A 190 -2.41 -9.54 0.59
C VAL A 190 -2.52 -8.27 1.43
N CYS A 191 -2.44 -7.11 0.78
CA CYS A 191 -2.57 -5.83 1.45
C CYS A 191 -3.95 -5.32 1.09
N SER A 192 -4.84 -5.27 2.09
CA SER A 192 -6.20 -4.83 1.84
C SER A 192 -6.53 -3.67 2.78
N GLU A 193 -6.83 -2.52 2.20
CA GLU A 193 -7.15 -1.34 2.98
C GLU A 193 -8.57 -0.88 2.72
N ASN A 194 -9.21 -0.35 3.75
CA ASN A 194 -10.59 0.11 3.69
C ASN A 194 -10.77 1.31 4.63
N THR A 195 -11.37 2.38 4.12
CA THR A 195 -11.57 3.60 4.91
C THR A 195 -12.66 3.57 5.98
N SER A 196 -13.35 2.44 6.13
CA SER A 196 -14.41 2.37 7.13
C SER A 196 -13.99 2.83 8.53
N VAL A 197 -12.74 2.55 8.92
CA VAL A 197 -12.28 2.95 10.26
C VAL A 197 -11.88 4.41 10.39
N THR A 198 -11.50 5.04 9.27
CA THR A 198 -11.08 6.43 9.33
C THR A 198 -12.09 7.49 8.89
N PHE A 199 -13.18 7.09 8.23
CA PHE A 199 -14.18 8.08 7.79
C PHE A 199 -14.93 8.68 8.98
N ARG A 200 -15.13 9.99 8.95
CA ARG A 200 -15.85 10.70 10.02
C ARG A 200 -16.16 12.13 9.59
N GLY A 201 -17.04 12.78 10.35
CA GLY A 201 -17.42 14.15 10.05
C GLY A 201 -16.32 15.18 10.24
N PRO A 202 -16.53 16.42 9.75
CA PRO A 202 -15.56 17.52 9.85
C PRO A 202 -15.61 18.28 11.16
N SER A 203 -14.47 18.84 11.55
CA SER A 203 -14.34 19.62 12.75
C SER A 203 -13.55 20.89 12.44
N GLU A 204 -14.05 22.03 12.91
CA GLU A 204 -13.38 23.31 12.69
C GLU A 204 -12.04 23.31 13.43
N THR A 205 -11.87 22.37 14.35
CA THR A 205 -10.66 22.28 15.17
C THR A 205 -9.66 21.21 14.77
N ASP A 206 -10.08 20.24 13.94
CA ASP A 206 -9.20 19.16 13.52
C ASP A 206 -8.97 19.18 12.02
N MET A 207 -8.06 20.03 11.57
CA MET A 207 -7.77 20.14 10.15
C MET A 207 -7.05 18.92 9.56
N ASP A 208 -6.13 18.33 10.31
CA ASP A 208 -5.41 17.16 9.81
C ASP A 208 -6.41 16.06 9.42
N SER A 209 -7.40 15.86 10.26
CA SER A 209 -8.44 14.85 10.03
C SER A 209 -9.25 15.16 8.77
N LEU A 210 -9.39 16.44 8.47
CA LEU A 210 -10.15 16.85 7.29
C LEU A 210 -9.39 16.51 6.01
N VAL A 211 -8.07 16.67 6.04
CA VAL A 211 -7.23 16.37 4.88
C VAL A 211 -7.25 14.88 4.54
N GLY A 212 -7.21 14.04 5.58
CA GLY A 212 -7.24 12.61 5.36
C GLY A 212 -8.52 12.17 4.68
N GLN A 213 -9.60 12.90 4.94
CA GLN A 213 -10.90 12.59 4.33
C GLN A 213 -10.87 12.79 2.81
N ALA A 214 -9.86 13.53 2.39
CA ALA A 214 -9.61 13.77 0.97
C ALA A 214 -8.59 12.82 0.36
N LEU A 215 -7.79 12.12 1.15
CA LEU A 215 -6.80 11.31 0.53
C LEU A 215 -7.08 9.81 0.55
N PHE A 216 -7.62 9.28 1.64
CA PHE A 216 -7.71 7.83 1.74
C PHE A 216 -8.73 7.13 0.86
N ALA A 217 -8.36 5.98 0.31
CA ALA A 217 -9.31 5.24 -0.45
C ALA A 217 -9.23 3.76 -0.17
N ASP A 218 -10.10 3.00 -0.85
CA ASP A 218 -10.19 1.56 -0.65
C ASP A 218 -9.58 0.73 -1.80
N GLY A 219 -8.92 -0.36 -1.44
CA GLY A 219 -8.31 -1.21 -2.45
C GLY A 219 -7.48 -2.35 -1.85
N ALA A 220 -7.25 -3.39 -2.64
CA ALA A 220 -6.47 -4.55 -2.20
C ALA A 220 -5.53 -4.99 -3.29
N ALA A 221 -4.39 -5.53 -2.87
CA ALA A 221 -3.39 -6.02 -3.81
C ALA A 221 -2.83 -7.35 -3.32
N ALA A 222 -2.66 -8.28 -4.26
CA ALA A 222 -2.13 -9.60 -3.94
C ALA A 222 -0.86 -9.82 -4.75
N ILE A 223 0.16 -10.36 -4.09
CA ILE A 223 1.44 -10.59 -4.74
C ILE A 223 1.98 -11.96 -4.41
N ILE A 224 2.46 -12.68 -5.42
CA ILE A 224 3.08 -13.98 -5.19
C ILE A 224 4.59 -13.72 -5.24
N ILE A 225 5.30 -14.25 -4.26
CA ILE A 225 6.75 -14.07 -4.21
C ILE A 225 7.48 -15.37 -3.92
N GLY A 226 8.53 -15.62 -4.68
CA GLY A 226 9.30 -16.83 -4.45
C GLY A 226 10.69 -16.77 -5.03
N SER A 227 11.60 -17.56 -4.46
CA SER A 227 12.97 -17.61 -4.95
C SER A 227 13.06 -18.78 -5.93
N ASP A 228 14.02 -18.72 -6.85
CA ASP A 228 14.22 -19.80 -7.82
C ASP A 228 12.96 -20.06 -8.64
N PRO A 229 12.59 -19.13 -9.52
CA PRO A 229 11.39 -19.34 -10.34
C PRO A 229 11.56 -20.54 -11.28
N VAL A 230 10.47 -21.24 -11.54
CA VAL A 230 10.50 -22.39 -12.43
C VAL A 230 10.56 -21.89 -13.87
N PRO A 231 11.61 -22.27 -14.61
CA PRO A 231 11.75 -21.85 -16.01
C PRO A 231 10.50 -22.12 -16.85
N GLU A 232 10.09 -21.12 -17.63
CA GLU A 232 8.90 -21.22 -18.50
C GLU A 232 7.54 -21.37 -17.82
N VAL A 233 7.52 -21.92 -16.61
CA VAL A 233 6.28 -22.08 -15.91
C VAL A 233 5.97 -20.82 -15.11
N GLU A 234 6.96 -20.27 -14.44
CA GLU A 234 6.76 -19.06 -13.67
C GLU A 234 7.35 -17.88 -14.41
N ASN A 235 6.76 -16.70 -14.21
CA ASN A 235 7.20 -15.50 -14.92
C ASN A 235 7.68 -14.36 -14.00
N PRO A 236 8.99 -14.33 -13.69
CA PRO A 236 9.56 -13.29 -12.82
C PRO A 236 9.35 -11.88 -13.38
N LEU A 237 8.84 -10.99 -12.53
CA LEU A 237 8.57 -9.61 -12.90
C LEU A 237 9.61 -8.65 -12.30
N PHE A 238 9.92 -8.85 -11.03
CA PHE A 238 10.88 -8.01 -10.30
C PHE A 238 11.60 -8.84 -9.23
N GLU A 239 12.86 -8.54 -8.98
CA GLU A 239 13.62 -9.24 -7.94
C GLU A 239 13.82 -8.25 -6.80
N ILE A 240 13.65 -8.73 -5.56
CA ILE A 240 13.85 -7.87 -4.39
C ILE A 240 15.34 -7.96 -4.10
N VAL A 241 16.07 -6.86 -4.31
CA VAL A 241 17.50 -6.87 -4.08
C VAL A 241 17.90 -6.60 -2.64
N SER A 242 17.34 -5.54 -2.06
CA SER A 242 17.63 -5.19 -0.68
C SER A 242 16.47 -4.41 -0.09
N THR A 243 16.34 -4.48 1.23
CA THR A 243 15.27 -3.79 1.93
C THR A 243 15.80 -3.10 3.19
N ASP A 244 15.58 -1.79 3.30
CA ASP A 244 16.03 -1.04 4.46
C ASP A 244 14.86 -0.37 5.13
N GLN A 245 14.93 -0.22 6.45
CA GLN A 245 13.90 0.49 7.18
C GLN A 245 14.63 1.55 8.00
N GLN A 246 14.09 2.75 8.01
CA GLN A 246 14.74 3.83 8.73
C GLN A 246 13.76 4.70 9.50
N LEU A 247 14.18 5.08 10.71
CA LEU A 247 13.38 5.93 11.57
C LEU A 247 13.99 7.33 11.53
N VAL A 248 13.23 8.31 11.05
CA VAL A 248 13.73 9.67 11.02
C VAL A 248 13.51 10.28 12.40
N PRO A 249 14.60 10.71 13.06
CA PRO A 249 14.58 11.32 14.40
C PRO A 249 13.65 12.54 14.48
N ASN A 250 12.99 12.70 15.63
CA ASN A 250 12.06 13.81 15.86
C ASN A 250 11.05 13.94 14.72
N SER A 251 10.20 12.93 14.60
CA SER A 251 9.18 12.90 13.55
C SER A 251 7.93 12.20 14.04
N HIS A 252 7.86 11.88 15.32
CA HIS A 252 6.69 11.18 15.84
C HIS A 252 5.39 11.91 15.54
N GLY A 253 5.41 13.23 15.66
CA GLY A 253 4.23 14.02 15.39
C GLY A 253 3.95 14.20 13.90
N ALA A 254 4.81 13.65 13.05
CA ALA A 254 4.63 13.76 11.62
C ALA A 254 3.33 13.08 11.16
N ILE A 255 3.29 11.76 11.30
CA ILE A 255 2.13 10.97 10.89
C ILE A 255 1.78 9.96 11.96
N GLY A 256 0.49 9.76 12.21
CA GLY A 256 0.09 8.80 13.22
C GLY A 256 -1.40 8.76 13.48
N GLY A 257 -1.78 8.06 14.53
CA GLY A 257 -3.17 7.92 14.91
C GLY A 257 -3.36 6.93 16.05
N LEU A 258 -4.56 6.90 16.61
CA LEU A 258 -4.91 6.01 17.71
C LEU A 258 -6.23 5.31 17.46
N LEU A 259 -6.34 4.05 17.88
CA LEU A 259 -7.60 3.32 17.72
C LEU A 259 -8.45 3.73 18.92
N ARG A 260 -9.57 4.41 18.68
CA ARG A 260 -10.46 4.85 19.77
C ARG A 260 -11.88 4.32 19.59
N GLU A 261 -12.72 4.63 20.58
CA GLU A 261 -14.12 4.21 20.55
C GLU A 261 -14.85 4.89 19.39
N VAL A 262 -14.26 5.96 18.87
CA VAL A 262 -14.84 6.71 17.76
C VAL A 262 -14.16 6.32 16.45
N GLY A 263 -13.54 5.15 16.43
CA GLY A 263 -12.85 4.69 15.23
C GLY A 263 -11.38 5.06 15.24
N LEU A 264 -10.73 4.96 14.08
CA LEU A 264 -9.31 5.28 13.97
C LEU A 264 -9.08 6.77 13.69
N THR A 265 -8.46 7.46 14.64
CA THR A 265 -8.19 8.88 14.46
C THR A 265 -6.82 8.99 13.81
N PHE A 266 -6.46 10.19 13.36
CA PHE A 266 -5.16 10.36 12.73
C PHE A 266 -4.77 11.82 12.59
N TYR A 267 -3.48 12.05 12.36
CA TYR A 267 -2.95 13.38 12.19
C TYR A 267 -1.85 13.35 11.13
N LEU A 268 -1.67 14.46 10.43
CA LEU A 268 -0.67 14.58 9.38
C LEU A 268 -0.06 15.97 9.43
N ASN A 269 1.17 16.06 9.90
CA ASN A 269 1.85 17.34 10.00
C ASN A 269 2.16 17.91 8.62
N LYS A 270 2.02 19.23 8.47
CA LYS A 270 2.27 19.89 7.19
C LYS A 270 3.73 19.80 6.79
N SER A 271 4.57 19.30 7.68
CA SER A 271 6.00 19.19 7.38
C SER A 271 6.45 17.83 6.85
N VAL A 272 5.56 16.85 6.75
CA VAL A 272 6.01 15.55 6.28
C VAL A 272 6.74 15.63 4.93
N PRO A 273 6.26 16.46 3.99
CA PRO A 273 6.97 16.55 2.70
C PRO A 273 8.43 16.98 2.91
N ASP A 274 8.65 17.95 3.79
CA ASP A 274 10.00 18.42 4.08
C ASP A 274 10.80 17.31 4.75
N ILE A 275 10.16 16.65 5.72
CA ILE A 275 10.80 15.56 6.44
C ILE A 275 11.29 14.51 5.45
N ILE A 276 10.36 13.96 4.66
CA ILE A 276 10.69 12.95 3.66
C ILE A 276 11.79 13.39 2.68
N SER A 277 11.73 14.64 2.24
CA SER A 277 12.72 15.17 1.30
C SER A 277 14.11 15.35 1.88
N GLN A 278 14.17 15.82 3.11
CA GLN A 278 15.45 16.05 3.77
C GLN A 278 16.16 14.77 4.19
N ASN A 279 15.42 13.66 4.24
CA ASN A 279 16.02 12.38 4.66
C ASN A 279 16.06 11.35 3.55
N ILE A 280 15.46 11.67 2.43
CA ILE A 280 15.36 10.77 1.30
C ILE A 280 16.70 10.39 0.66
N ASN A 281 17.65 11.32 0.59
CA ASN A 281 18.94 11.02 -0.03
C ASN A 281 19.80 10.06 0.76
N ASP A 282 19.72 10.09 2.09
CA ASP A 282 20.51 9.15 2.89
C ASP A 282 20.07 7.73 2.58
N ALA A 283 18.77 7.53 2.44
CA ALA A 283 18.23 6.20 2.14
C ALA A 283 18.65 5.75 0.74
N LEU A 284 18.67 6.67 -0.21
CA LEU A 284 19.07 6.35 -1.57
C LEU A 284 20.55 5.93 -1.57
N SER A 285 21.37 6.71 -0.88
CA SER A 285 22.81 6.43 -0.80
C SER A 285 23.07 5.07 -0.14
N LYS A 286 22.38 4.82 0.96
CA LYS A 286 22.55 3.58 1.67
C LYS A 286 22.18 2.39 0.78
N ALA A 287 21.21 2.59 -0.12
CA ALA A 287 20.74 1.49 -0.99
C ALA A 287 21.36 1.42 -2.38
N PHE A 288 22.00 2.49 -2.86
CA PHE A 288 22.57 2.45 -4.20
C PHE A 288 24.07 2.58 -4.25
N ASP A 289 24.71 3.12 -3.22
CA ASP A 289 26.16 3.24 -3.24
C ASP A 289 26.78 1.87 -3.43
N PRO A 290 26.26 0.84 -2.77
CA PRO A 290 26.83 -0.51 -2.90
C PRO A 290 26.68 -1.08 -4.31
N LEU A 291 25.72 -0.55 -5.05
CA LEU A 291 25.47 -1.02 -6.42
C LEU A 291 26.14 -0.09 -7.42
N GLY A 292 26.86 0.89 -6.90
CA GLY A 292 27.55 1.83 -7.76
C GLY A 292 26.64 2.69 -8.59
N ILE A 293 25.47 3.02 -8.06
CA ILE A 293 24.49 3.85 -8.77
C ILE A 293 24.44 5.22 -8.11
N SER A 294 24.72 6.27 -8.88
CA SER A 294 24.72 7.65 -8.38
C SER A 294 23.62 8.49 -9.06
N ASP A 295 23.28 8.13 -10.28
CA ASP A 295 22.26 8.85 -11.02
C ASP A 295 20.87 8.25 -10.76
N TYR A 296 20.09 8.93 -9.93
CA TYR A 296 18.76 8.45 -9.57
C TYR A 296 17.73 8.55 -10.69
N ASN A 297 18.14 9.14 -11.82
CA ASN A 297 17.26 9.23 -12.97
C ASN A 297 17.52 8.01 -13.86
N SER A 298 18.60 7.27 -13.56
CA SER A 298 18.95 6.09 -14.35
C SER A 298 18.26 4.81 -13.85
N ILE A 299 17.38 4.97 -12.88
CA ILE A 299 16.64 3.84 -12.32
C ILE A 299 15.15 4.20 -12.34
N PHE A 300 14.29 3.21 -12.23
CA PHE A 300 12.86 3.50 -12.22
C PHE A 300 12.36 3.72 -10.79
N TRP A 301 11.22 4.39 -10.68
CA TRP A 301 10.69 4.70 -9.36
C TRP A 301 9.29 4.12 -9.19
N ILE A 302 9.03 3.88 -7.89
CA ILE A 302 7.77 3.43 -7.33
C ILE A 302 7.72 4.00 -5.92
N ALA A 303 7.02 5.13 -5.76
CA ALA A 303 6.95 5.78 -4.46
C ALA A 303 5.54 5.79 -3.86
N HIS A 304 5.52 5.60 -2.57
CA HIS A 304 4.21 5.74 -1.95
C HIS A 304 3.68 7.13 -2.28
N PRO A 305 2.45 7.17 -2.76
CA PRO A 305 1.74 8.43 -2.99
C PRO A 305 1.02 8.95 -1.75
N GLY A 306 1.79 9.34 -0.74
CA GLY A 306 1.22 9.85 0.49
C GLY A 306 0.44 11.14 0.26
N GLY A 307 1.01 11.99 -0.58
CA GLY A 307 0.38 13.27 -0.91
C GLY A 307 1.11 13.86 -2.09
N ARG A 308 0.44 14.72 -2.84
CA ARG A 308 1.06 15.34 -4.01
C ARG A 308 2.29 16.15 -3.58
N ALA A 309 2.17 16.87 -2.47
CA ALA A 309 3.27 17.69 -1.98
C ALA A 309 4.51 16.84 -1.77
N ILE A 310 4.33 15.64 -1.24
CA ILE A 310 5.44 14.73 -1.00
C ILE A 310 6.16 14.43 -2.31
N LEU A 311 5.39 13.99 -3.31
CA LEU A 311 5.95 13.65 -4.61
C LEU A 311 6.71 14.85 -5.23
N ASP A 312 6.10 16.03 -5.16
CA ASP A 312 6.72 17.25 -5.69
C ASP A 312 8.06 17.54 -5.01
N GLN A 313 8.06 17.50 -3.68
CA GLN A 313 9.25 17.75 -2.87
C GLN A 313 10.40 16.78 -3.16
N VAL A 314 10.11 15.49 -3.08
CA VAL A 314 11.11 14.47 -3.34
C VAL A 314 11.71 14.64 -4.74
N GLU A 315 10.85 14.83 -5.71
CA GLU A 315 11.26 15.03 -7.10
C GLU A 315 12.15 16.26 -7.23
N GLU A 316 11.77 17.32 -6.53
CA GLU A 316 12.51 18.58 -6.54
C GLU A 316 13.88 18.43 -5.89
N LYS A 317 13.90 17.72 -4.76
CA LYS A 317 15.12 17.51 -3.99
C LYS A 317 16.12 16.57 -4.65
N VAL A 318 15.59 15.49 -5.23
CA VAL A 318 16.42 14.48 -5.88
C VAL A 318 16.74 14.84 -7.33
N ASN A 319 16.01 15.84 -7.86
CA ASN A 319 16.19 16.34 -9.25
C ASN A 319 15.80 15.31 -10.33
N LEU A 320 14.59 14.76 -10.18
CA LEU A 320 14.04 13.72 -11.01
C LEU A 320 13.18 14.18 -12.15
N LYS A 321 13.51 13.67 -13.33
CA LYS A 321 12.68 13.95 -14.48
C LYS A 321 11.24 13.80 -14.05
N PRO A 322 10.36 14.52 -14.74
CA PRO A 322 8.94 14.48 -14.39
C PRO A 322 8.33 13.10 -14.36
N GLU A 323 8.63 12.48 -15.45
CA GLU A 323 8.12 11.15 -15.79
C GLU A 323 8.41 10.09 -14.76
N LYS A 324 9.49 10.24 -14.01
CA LYS A 324 9.87 9.25 -12.99
C LYS A 324 8.73 9.00 -12.01
N MET A 325 7.94 10.03 -11.78
CA MET A 325 6.81 9.99 -10.85
C MET A 325 5.46 9.82 -11.57
N LYS A 326 5.50 9.64 -12.88
CA LYS A 326 4.27 9.51 -13.67
C LYS A 326 3.38 8.32 -13.29
N ALA A 327 3.99 7.14 -13.19
CA ALA A 327 3.24 5.95 -12.83
C ALA A 327 2.63 6.17 -11.43
N THR A 328 3.45 6.63 -10.50
CA THR A 328 2.98 6.87 -9.14
C THR A 328 1.82 7.87 -9.10
N ARG A 329 1.94 8.97 -9.84
CA ARG A 329 0.88 9.98 -9.85
C ARG A 329 -0.37 9.45 -10.54
N ASP A 330 -0.18 8.51 -11.46
CA ASP A 330 -1.29 7.91 -12.20
C ASP A 330 -2.20 7.13 -11.27
N VAL A 331 -1.59 6.35 -10.37
CA VAL A 331 -2.34 5.56 -9.41
C VAL A 331 -3.02 6.48 -8.40
N LEU A 332 -2.29 7.50 -7.96
CA LEU A 332 -2.83 8.45 -6.99
C LEU A 332 -4.08 9.11 -7.58
N SER A 333 -4.02 9.41 -8.87
CA SER A 333 -5.12 10.07 -9.56
C SER A 333 -6.35 9.19 -9.84
N ASN A 334 -6.16 7.89 -9.96
CA ASN A 334 -7.28 7.00 -10.25
C ASN A 334 -7.81 6.22 -9.04
N TYR A 335 -7.02 6.16 -7.97
CA TYR A 335 -7.38 5.41 -6.77
C TYR A 335 -7.24 6.17 -5.45
N GLY A 336 -6.41 7.21 -5.45
CA GLY A 336 -6.18 7.96 -4.23
C GLY A 336 -5.14 7.25 -3.35
N ASN A 337 -5.18 7.52 -2.05
CA ASN A 337 -4.23 6.90 -1.13
C ASN A 337 -4.81 5.64 -0.47
N MET A 338 -4.47 4.49 -1.05
CA MET A 338 -4.93 3.20 -0.56
C MET A 338 -3.92 2.59 0.42
N SER A 339 -3.15 3.44 1.08
CA SER A 339 -2.18 3.00 2.06
C SER A 339 -1.19 1.95 1.54
N SER A 340 -1.05 0.85 2.27
CA SER A 340 -0.12 -0.22 1.90
C SER A 340 -0.32 -0.83 0.51
N ALA A 341 -1.51 -0.65 -0.07
CA ALA A 341 -1.86 -1.25 -1.39
C ALA A 341 -1.36 -0.46 -2.60
N CYS A 342 -1.05 0.82 -2.38
CA CYS A 342 -0.63 1.73 -3.46
C CYS A 342 0.57 1.32 -4.30
N VAL A 343 1.70 1.03 -3.64
CA VAL A 343 2.91 0.66 -4.38
C VAL A 343 2.80 -0.55 -5.28
N PHE A 344 1.86 -1.45 -4.97
CA PHE A 344 1.65 -2.63 -5.80
C PHE A 344 0.76 -2.31 -6.99
N PHE A 345 -0.10 -1.30 -6.83
CA PHE A 345 -0.95 -0.88 -7.94
C PHE A 345 0.00 -0.18 -8.91
N ILE A 346 0.97 0.56 -8.35
CA ILE A 346 1.95 1.27 -9.17
C ILE A 346 2.90 0.27 -9.81
N MET A 347 3.28 -0.76 -9.06
CA MET A 347 4.16 -1.79 -9.58
C MET A 347 3.44 -2.48 -10.74
N ASP A 348 2.17 -2.82 -10.51
CA ASP A 348 1.37 -3.48 -11.51
C ASP A 348 1.27 -2.61 -12.77
N LEU A 349 0.90 -1.34 -12.58
CA LEU A 349 0.77 -0.39 -13.68
C LEU A 349 2.04 -0.23 -14.49
N MET A 350 3.18 -0.13 -13.80
CA MET A 350 4.46 0.04 -14.45
C MET A 350 4.81 -1.11 -15.40
N ARG A 351 4.63 -2.34 -14.94
CA ARG A 351 4.96 -3.49 -15.77
C ARG A 351 3.92 -3.64 -16.88
N LYS A 352 2.68 -3.26 -16.62
CA LYS A 352 1.64 -3.34 -17.64
C LYS A 352 2.00 -2.36 -18.76
N LYS A 353 2.26 -1.11 -18.39
CA LYS A 353 2.61 -0.10 -19.38
C LYS A 353 3.90 -0.42 -20.12
N SER A 354 4.89 -0.94 -19.40
CA SER A 354 6.17 -1.29 -20.00
C SER A 354 6.01 -2.34 -21.08
N LEU A 355 5.13 -3.31 -20.83
CA LEU A 355 4.89 -4.38 -21.79
C LEU A 355 4.21 -3.87 -23.06
N GLU A 356 3.13 -3.11 -22.91
CA GLU A 356 2.43 -2.59 -24.09
C GLU A 356 3.21 -1.59 -24.91
N ALA A 357 4.19 -0.92 -24.30
CA ALA A 357 4.99 0.05 -25.02
C ALA A 357 6.19 -0.64 -25.66
N GLY A 358 6.32 -1.94 -25.41
CA GLY A 358 7.41 -2.71 -25.97
C GLY A 358 8.77 -2.45 -25.38
N LEU A 359 8.82 -1.94 -24.14
CA LEU A 359 10.10 -1.67 -23.50
C LEU A 359 10.84 -2.99 -23.20
N LYS A 360 12.15 -2.92 -22.98
CA LYS A 360 12.93 -4.12 -22.73
C LYS A 360 12.84 -4.74 -21.34
N THR A 361 12.33 -3.99 -20.36
CA THR A 361 12.18 -4.54 -19.01
C THR A 361 10.87 -4.08 -18.39
N THR A 362 10.48 -4.74 -17.31
CA THR A 362 9.25 -4.42 -16.60
C THR A 362 9.36 -3.07 -15.89
N GLY A 363 10.59 -2.64 -15.62
CA GLY A 363 10.80 -1.37 -14.96
C GLY A 363 11.04 -0.22 -15.93
N GLU A 364 10.10 -0.01 -16.85
CA GLU A 364 10.19 1.06 -17.84
C GLU A 364 11.48 0.95 -18.68
N GLY A 365 11.90 -0.28 -18.93
CA GLY A 365 13.09 -0.53 -19.72
C GLY A 365 14.42 -0.32 -19.02
N LEU A 366 14.38 0.00 -17.73
CA LEU A 366 15.62 0.22 -16.96
C LEU A 366 15.89 -1.02 -16.11
N ASP A 367 17.15 -1.24 -15.77
CA ASP A 367 17.50 -2.42 -14.98
C ASP A 367 17.21 -2.32 -13.48
N TRP A 368 17.60 -1.20 -12.87
CA TRP A 368 17.37 -1.04 -11.44
C TRP A 368 16.28 -0.02 -11.13
N GLY A 369 15.67 -0.19 -9.96
CA GLY A 369 14.61 0.71 -9.54
C GLY A 369 14.49 0.70 -8.03
N VAL A 370 13.76 1.69 -7.50
CA VAL A 370 13.57 1.80 -6.07
C VAL A 370 12.09 1.94 -5.73
N LEU A 371 11.70 1.40 -4.59
CA LEU A 371 10.33 1.48 -4.11
C LEU A 371 10.40 2.00 -2.69
N PHE A 372 9.60 3.04 -2.42
CA PHE A 372 9.56 3.68 -1.10
C PHE A 372 8.20 3.58 -0.43
N GLY A 373 8.25 3.48 0.90
CA GLY A 373 7.08 3.44 1.71
C GLY A 373 7.24 4.55 2.75
N PHE A 374 6.18 5.33 2.96
CA PHE A 374 6.28 6.41 3.95
C PHE A 374 5.13 6.30 4.98
N GLY A 375 5.46 6.39 6.29
CA GLY A 375 4.44 6.27 7.35
C GLY A 375 4.83 6.75 8.76
N PRO A 376 3.97 6.40 9.75
CA PRO A 376 4.07 6.71 11.21
C PRO A 376 5.45 6.67 11.85
N GLY A 377 5.64 7.59 12.81
CA GLY A 377 6.91 7.73 13.53
C GLY A 377 7.92 8.25 12.54
N LEU A 378 7.40 8.39 11.32
CA LEU A 378 8.09 8.77 10.11
C LEU A 378 9.13 7.73 9.87
N THR A 379 8.63 6.64 9.28
CA THR A 379 9.37 5.48 8.90
C THR A 379 9.50 5.56 7.39
N ILE A 380 10.70 5.15 6.92
CA ILE A 380 11.02 5.08 5.49
C ILE A 380 11.48 3.67 5.13
N GLU A 381 10.72 2.96 4.25
CA GLU A 381 11.06 1.65 3.74
C GLU A 381 11.71 1.88 2.40
N THR A 382 12.94 1.42 2.19
CA THR A 382 13.60 1.60 0.91
C THR A 382 13.96 0.25 0.34
N VAL A 383 13.23 -0.13 -0.71
CA VAL A 383 13.45 -1.42 -1.35
C VAL A 383 14.06 -1.25 -2.74
N VAL A 384 15.19 -1.92 -2.97
CA VAL A 384 15.86 -1.84 -4.25
C VAL A 384 15.33 -3.01 -5.08
N LEU A 385 14.94 -2.72 -6.33
CA LEU A 385 14.35 -3.74 -7.19
C LEU A 385 15.04 -3.81 -8.55
N ARG A 386 15.35 -5.05 -8.96
CA ARG A 386 15.94 -5.38 -10.27
C ARG A 386 14.80 -5.74 -11.19
N SER A 387 14.74 -5.17 -12.39
CA SER A 387 13.65 -5.49 -13.29
C SER A 387 13.93 -6.78 -14.00
N MET A 388 12.91 -7.32 -14.60
CA MET A 388 13.06 -8.54 -15.37
C MET A 388 12.87 -8.27 -16.86
N ALA A 389 13.56 -9.02 -17.70
CA ALA A 389 13.56 -8.84 -19.15
C ALA A 389 12.22 -8.96 -19.88
N ILE A 390 12.25 -8.44 -21.10
CA ILE A 390 11.12 -8.42 -22.04
C ILE A 390 9.83 -7.84 -21.47
C1 CIT B . 9.69 -24.16 -6.85
O1 CIT B . 10.01 -23.51 -6.04
O2 CIT B . 10.30 -25.02 -7.42
C2 CIT B . 8.25 -24.05 -7.43
C3 CIT B . 7.02 -24.62 -6.65
O7 CIT B . 7.17 -26.07 -6.42
C4 CIT B . 6.95 -23.97 -5.24
C5 CIT B . 5.81 -24.44 -4.35
O3 CIT B . 4.88 -23.53 -4.14
O4 CIT B . 5.71 -25.51 -3.83
C6 CIT B . 5.76 -24.37 -7.48
O5 CIT B . 5.44 -23.14 -7.67
O6 CIT B . 5.12 -25.36 -7.96
C1 CIT C . -0.93 13.87 -13.19
O1 CIT C . -2.01 13.84 -13.04
O2 CIT C . -0.26 13.30 -13.99
C2 CIT C . -0.01 14.74 -12.26
C3 CIT C . 1.06 15.73 -12.83
O7 CIT C . 2.05 15.02 -13.64
C4 CIT C . 0.37 16.76 -13.80
C5 CIT C . 1.29 17.78 -14.43
O3 CIT C . 1.20 19.00 -13.91
O4 CIT C . 2.07 17.58 -15.33
C6 CIT C . 1.76 16.41 -11.64
O5 CIT C . 1.18 17.42 -11.11
O6 CIT C . 2.86 15.91 -11.23
#